data_5VME
#
_entry.id   5VME
#
_cell.length_a   115.010
_cell.length_b   115.010
_cell.length_c   73.580
_cell.angle_alpha   90.00
_cell.angle_beta   90.00
_cell.angle_gamma   120.00
#
_symmetry.space_group_name_H-M   'P 61'
#
loop_
_entity.id
_entity.type
_entity.pdbx_description
1 polymer 'human IgG1 Fc K248E,T437R mutant'
2 branched 2-acetamido-2-deoxy-beta-D-glucopyranose-(1-2)-alpha-D-mannopyranose-(1-3)-[2-acetamido-2-deoxy-beta-D-glucopyranose-(1-2)-alpha-D-mannopyranose-(1-6)]beta-D-mannopyranose-(1-4)-2-acetamido-2-deoxy-beta-D-glucopyranose-(1-4)-[alpha-L-fucopyranose-(1-6)]2-acetamido-2-deoxy-beta-D-glucopyranose
3 branched 2-acetamido-2-deoxy-beta-D-glucopyranose-(1-2)-alpha-D-mannopyranose-(1-6)-[alpha-D-mannopyranose-(1-3)]beta-D-mannopyranose-(1-4)-2-acetamido-2-deoxy-beta-D-glucopyranose-(1-4)-[alpha-L-fucopyranose-(1-6)]2-acetamido-2-deoxy-beta-D-glucopyranose
#
_entity_poly.entity_id   1
_entity_poly.type   'polypeptide(L)'
_entity_poly.pdbx_seq_one_letter_code
;TCPPCPAPELLGGPSVFLFPPKPEDTLMISRTPEVTCVVVDVSHEDPEVKFNWYVDGVEVHNAKTKPREEQYNSTYRVVS
VLTVLHQDWLNGKEYKCKVSNKALPAPIEKTISKAKGQPREPQVYTLPPSREEMTKNQVSLTCLVKGFYPSDIAVEWESN
GQPENNYKTTPPVLDSDGSFFLYSKLTVDKSRWQQGNVFSCSVMHEALHNHYRQKSLSLSPGK
;
_entity_poly.pdbx_strand_id   A,B
#
loop_
_chem_comp.id
_chem_comp.type
_chem_comp.name
_chem_comp.formula
BMA D-saccharide, beta linking beta-D-mannopyranose 'C6 H12 O6'
FUC L-saccharide, alpha linking alpha-L-fucopyranose 'C6 H12 O5'
MAN D-saccharide, alpha linking alpha-D-mannopyranose 'C6 H12 O6'
NAG D-saccharide, beta linking 2-acetamido-2-deoxy-beta-D-glucopyranose 'C8 H15 N O6'
#
# COMPACT_ATOMS: atom_id res chain seq x y z
N GLY A 13 2.93 15.71 25.31
CA GLY A 13 4.30 15.42 24.90
C GLY A 13 4.43 14.13 24.12
N PRO A 14 4.53 13.01 24.84
CA PRO A 14 4.68 11.68 24.21
C PRO A 14 3.41 11.22 23.49
N SER A 15 3.58 10.43 22.43
CA SER A 15 2.47 9.90 21.67
C SER A 15 2.36 8.39 21.81
N VAL A 16 1.17 7.85 21.61
CA VAL A 16 0.94 6.41 21.76
C VAL A 16 0.42 5.80 20.46
N PHE A 17 1.03 4.70 20.04
CA PHE A 17 0.59 3.99 18.85
C PHE A 17 0.35 2.51 19.15
N LEU A 18 -0.87 2.05 18.93
CA LEU A 18 -1.24 0.68 19.21
C LEU A 18 -1.33 -0.13 17.91
N PHE A 19 -0.42 -1.08 17.74
CA PHE A 19 -0.35 -1.87 16.51
C PHE A 19 -1.02 -3.22 16.66
N PRO A 20 -1.76 -3.64 15.62
CA PRO A 20 -2.41 -4.96 15.59
C PRO A 20 -1.40 -6.06 15.30
N PRO A 21 -1.69 -7.29 15.76
CA PRO A 21 -0.80 -8.43 15.51
C PRO A 21 -0.69 -8.76 14.03
N LYS A 22 0.39 -9.44 13.64
CA LYS A 22 0.57 -9.84 12.25
C LYS A 22 -0.56 -10.76 11.81
N PRO A 23 -1.07 -10.54 10.58
CA PRO A 23 -2.19 -11.32 10.03
C PRO A 23 -1.93 -12.82 10.02
N GLU A 24 -0.69 -13.23 9.78
CA GLU A 24 -0.35 -14.65 9.71
C GLU A 24 -0.24 -15.27 11.09
N ASP A 25 -0.07 -14.44 12.11
CA ASP A 25 0.08 -14.94 13.48
C ASP A 25 -1.27 -15.24 14.12
N THR A 26 -2.31 -14.53 13.66
CA THR A 26 -3.65 -14.70 14.21
C THR A 26 -4.39 -15.85 13.54
N LEU A 27 -3.85 -16.32 12.42
CA LEU A 27 -4.49 -17.37 11.65
C LEU A 27 -3.78 -18.71 11.82
N MET A 28 -2.46 -18.67 11.89
CA MET A 28 -1.67 -19.87 12.14
C MET A 28 -1.60 -20.16 13.63
N ILE A 29 -2.05 -21.35 14.03
CA ILE A 29 -2.09 -21.73 15.43
C ILE A 29 -0.70 -22.05 15.97
N SER A 30 0.27 -22.19 15.07
CA SER A 30 1.64 -22.46 15.46
C SER A 30 2.37 -21.19 15.87
N ARG A 31 1.92 -20.05 15.34
CA ARG A 31 2.51 -18.76 15.66
C ARG A 31 1.81 -18.12 16.86
N THR A 32 2.42 -17.06 17.40
CA THR A 32 1.86 -16.37 18.55
C THR A 32 1.57 -14.91 18.25
N PRO A 33 0.30 -14.53 18.21
CA PRO A 33 -0.13 -13.15 17.96
C PRO A 33 0.10 -12.26 19.19
N GLU A 34 0.39 -10.99 18.96
CA GLU A 34 0.66 -10.06 20.05
C GLU A 34 0.33 -8.62 19.67
N VAL A 35 -0.29 -7.90 20.60
CA VAL A 35 -0.63 -6.50 20.39
C VAL A 35 0.47 -5.60 20.93
N THR A 36 0.99 -4.71 20.08
CA THR A 36 2.13 -3.88 20.45
C THR A 36 1.72 -2.44 20.73
N CYS A 37 2.12 -1.93 21.89
CA CYS A 37 1.87 -0.55 22.26
C CYS A 37 3.18 0.23 22.27
N VAL A 38 3.38 1.06 21.25
CA VAL A 38 4.62 1.82 21.11
C VAL A 38 4.45 3.26 21.59
N VAL A 39 5.37 3.70 22.45
CA VAL A 39 5.35 5.06 22.97
C VAL A 39 6.60 5.81 22.54
N VAL A 40 6.40 6.97 21.90
CA VAL A 40 7.52 7.79 21.44
C VAL A 40 7.50 9.16 22.12
N ASP A 41 8.53 9.96 21.83
CA ASP A 41 8.66 11.31 22.38
C ASP A 41 8.63 11.32 23.91
N VAL A 42 9.35 10.39 24.52
CA VAL A 42 9.43 10.33 25.97
C VAL A 42 10.56 11.21 26.49
N SER A 43 10.22 12.10 27.42
CA SER A 43 11.18 13.05 27.97
C SER A 43 12.32 12.35 28.71
N HIS A 44 13.49 12.98 28.68
CA HIS A 44 14.67 12.43 29.37
C HIS A 44 14.57 12.63 30.87
N GLU A 45 13.77 13.60 31.29
CA GLU A 45 13.58 13.89 32.70
C GLU A 45 12.52 12.99 33.32
N ASP A 46 11.78 12.29 32.47
CA ASP A 46 10.73 11.39 32.93
C ASP A 46 10.54 10.20 31.99
N PRO A 47 11.45 9.21 32.07
CA PRO A 47 11.37 8.02 31.23
C PRO A 47 10.41 6.98 31.79
N GLU A 48 9.90 7.23 32.99
CA GLU A 48 8.97 6.31 33.65
C GLU A 48 7.61 6.32 32.97
N VAL A 49 7.29 5.22 32.28
CA VAL A 49 6.01 5.09 31.59
C VAL A 49 5.23 3.89 32.11
N LYS A 50 3.98 4.14 32.51
CA LYS A 50 3.13 3.08 33.04
C LYS A 50 2.18 2.53 31.97
N PHE A 51 2.12 1.21 31.87
CA PHE A 51 1.23 0.56 30.91
C PHE A 51 0.10 -0.19 31.61
N ASN A 52 -1.12 -0.01 31.10
CA ASN A 52 -2.28 -0.71 31.63
C ASN A 52 -3.11 -1.31 30.51
N TRP A 53 -3.08 -2.64 30.40
CA TRP A 53 -3.79 -3.34 29.34
C TRP A 53 -5.17 -3.80 29.79
N TYR A 54 -6.14 -3.71 28.88
CA TYR A 54 -7.51 -4.12 29.18
C TYR A 54 -8.11 -4.92 28.03
N VAL A 55 -8.68 -6.07 28.35
CA VAL A 55 -9.37 -6.89 27.37
C VAL A 55 -10.87 -6.84 27.61
N ASP A 56 -11.57 -6.05 26.81
CA ASP A 56 -13.01 -5.83 26.95
C ASP A 56 -13.36 -5.31 28.34
N GLY A 57 -12.49 -4.50 28.92
CA GLY A 57 -12.71 -3.95 30.24
C GLY A 57 -11.85 -4.63 31.30
N VAL A 58 -11.76 -5.95 31.21
CA VAL A 58 -10.98 -6.73 32.17
C VAL A 58 -9.48 -6.49 31.99
N GLU A 59 -8.82 -6.03 33.05
CA GLU A 59 -7.39 -5.75 33.00
C GLU A 59 -6.56 -7.02 33.10
N VAL A 60 -5.59 -7.16 32.21
CA VAL A 60 -4.68 -8.29 32.23
C VAL A 60 -3.30 -7.87 32.69
N HIS A 61 -2.52 -8.82 33.22
CA HIS A 61 -1.20 -8.51 33.75
C HIS A 61 -0.15 -9.48 33.23
N ASN A 62 -0.27 -9.86 31.96
CA ASN A 62 0.68 -10.78 31.34
C ASN A 62 1.49 -10.11 30.24
N ALA A 63 1.48 -8.78 30.24
CA ALA A 63 2.22 -8.01 29.24
C ALA A 63 3.71 -8.01 29.54
N LYS A 64 4.52 -7.89 28.49
CA LYS A 64 5.97 -7.85 28.65
C LYS A 64 6.53 -6.56 28.07
N THR A 65 7.03 -5.69 28.94
CA THR A 65 7.56 -4.41 28.53
C THR A 65 9.07 -4.43 28.37
N LYS A 66 9.55 -4.01 27.21
CA LYS A 66 10.97 -3.93 26.94
C LYS A 66 11.54 -2.62 27.49
N PRO A 67 12.83 -2.63 27.89
CA PRO A 67 13.50 -1.43 28.42
C PRO A 67 13.48 -0.27 27.42
N ARG A 68 13.71 0.94 27.91
CA ARG A 68 13.67 2.13 27.07
C ARG A 68 14.74 2.12 25.98
N GLU A 69 14.49 2.86 24.91
CA GLU A 69 15.42 2.93 23.79
C GLU A 69 15.70 4.39 23.42
N GLU A 70 16.96 4.80 23.56
CA GLU A 70 17.36 6.16 23.21
C GLU A 70 17.37 6.37 21.71
N GLN A 71 16.72 7.43 21.26
CA GLN A 71 16.66 7.75 19.83
C GLN A 71 17.62 8.87 19.47
N TYR A 72 17.73 9.17 18.18
CA TYR A 72 18.66 10.18 17.70
C TYR A 72 18.17 11.59 17.98
N ASN A 73 16.86 11.74 18.17
CA ASN A 73 16.29 13.06 18.47
C ASN A 73 16.14 13.29 19.97
N SER A 74 17.05 12.73 20.74
CA SER A 74 17.12 12.91 22.19
C SER A 74 15.82 12.53 22.90
N THR A 75 15.18 11.46 22.42
CA THR A 75 13.95 10.98 23.03
C THR A 75 14.01 9.47 23.27
N TYR A 76 13.13 8.98 24.13
CA TYR A 76 13.08 7.55 24.45
C TYR A 76 11.96 6.86 23.68
N ARG A 77 12.05 5.54 23.59
CA ARG A 77 11.02 4.74 22.91
C ARG A 77 10.68 3.49 23.72
N VAL A 78 9.62 3.58 24.51
CA VAL A 78 9.20 2.47 25.35
C VAL A 78 8.14 1.61 24.66
N VAL A 79 8.37 0.31 24.62
CA VAL A 79 7.47 -0.61 23.92
C VAL A 79 6.93 -1.70 24.84
N SER A 80 5.60 -1.82 24.88
CA SER A 80 4.95 -2.85 25.67
C SER A 80 4.24 -3.86 24.76
N VAL A 81 4.52 -5.15 24.96
CA VAL A 81 3.96 -6.19 24.12
C VAL A 81 3.05 -7.12 24.90
N LEU A 82 1.82 -7.29 24.42
CA LEU A 82 0.86 -8.18 25.07
C LEU A 82 0.45 -9.32 24.13
N THR A 83 0.84 -10.55 24.48
CA THR A 83 0.46 -11.71 23.70
C THR A 83 -1.02 -12.01 23.89
N VAL A 84 -1.72 -12.29 22.79
CA VAL A 84 -3.15 -12.53 22.84
C VAL A 84 -3.52 -13.90 22.29
N LEU A 85 -4.78 -14.28 22.46
CA LEU A 85 -5.28 -15.56 21.94
C LEU A 85 -5.84 -15.38 20.55
N HIS A 86 -5.76 -16.43 19.74
CA HIS A 86 -6.26 -16.40 18.37
C HIS A 86 -7.77 -16.23 18.34
N GLN A 87 -8.47 -17.01 19.16
CA GLN A 87 -9.92 -16.99 19.20
C GLN A 87 -10.46 -15.65 19.67
N ASP A 88 -9.73 -15.01 20.59
CA ASP A 88 -10.15 -13.72 21.14
C ASP A 88 -10.13 -12.62 20.08
N TRP A 89 -9.01 -12.51 19.38
CA TRP A 89 -8.85 -11.48 18.35
C TRP A 89 -9.83 -11.66 17.21
N LEU A 90 -10.07 -12.91 16.81
CA LEU A 90 -10.97 -13.20 15.70
C LEU A 90 -12.44 -12.97 16.08
N ASN A 91 -12.76 -13.13 17.36
CA ASN A 91 -14.11 -12.89 17.83
C ASN A 91 -14.41 -11.41 17.98
N GLY A 92 -13.37 -10.59 17.91
CA GLY A 92 -13.53 -9.14 17.95
C GLY A 92 -13.37 -8.56 19.34
N LYS A 93 -12.49 -9.15 20.15
CA LYS A 93 -12.21 -8.63 21.48
C LYS A 93 -11.56 -7.25 21.40
N GLU A 94 -11.99 -6.35 22.26
CA GLU A 94 -11.50 -4.99 22.26
C GLU A 94 -10.28 -4.84 23.17
N TYR A 95 -9.16 -4.40 22.60
CA TYR A 95 -7.92 -4.26 23.37
C TYR A 95 -7.56 -2.79 23.60
N LYS A 96 -7.38 -2.43 24.86
CA LYS A 96 -7.08 -1.04 25.24
C LYS A 96 -5.69 -0.93 25.87
N CYS A 97 -4.98 0.13 25.52
CA CYS A 97 -3.64 0.37 26.05
C CYS A 97 -3.57 1.72 26.76
N LYS A 98 -3.66 1.69 28.08
CA LYS A 98 -3.61 2.91 28.88
C LYS A 98 -2.17 3.28 29.24
N VAL A 99 -1.72 4.41 28.75
CA VAL A 99 -0.36 4.87 28.98
C VAL A 99 -0.32 6.07 29.92
N SER A 100 0.39 5.93 31.04
CA SER A 100 0.49 6.99 32.03
C SER A 100 1.92 7.52 32.13
N ASN A 101 2.06 8.84 32.17
CA ASN A 101 3.36 9.47 32.26
C ASN A 101 3.30 10.78 33.06
N LYS A 102 4.42 11.16 33.66
CA LYS A 102 4.48 12.37 34.48
C LYS A 102 4.32 13.64 33.65
N ALA A 103 4.69 13.56 32.37
CA ALA A 103 4.60 14.71 31.48
C ALA A 103 3.23 14.81 30.82
N LEU A 104 2.35 13.88 31.16
CA LEU A 104 1.00 13.85 30.60
C LEU A 104 -0.04 14.32 31.60
N PRO A 105 -0.94 15.22 31.16
CA PRO A 105 -2.05 15.70 31.99
C PRO A 105 -3.03 14.58 32.34
N ALA A 106 -3.26 13.69 31.39
CA ALA A 106 -4.18 12.57 31.59
C ALA A 106 -3.69 11.33 30.84
N PRO A 107 -3.95 10.15 31.40
CA PRO A 107 -3.56 8.88 30.78
C PRO A 107 -4.14 8.71 29.37
N ILE A 108 -3.28 8.47 28.40
CA ILE A 108 -3.69 8.29 27.01
C ILE A 108 -4.16 6.86 26.75
N GLU A 109 -5.37 6.72 26.23
CA GLU A 109 -5.94 5.41 25.94
C GLU A 109 -6.12 5.16 24.44
N LYS A 110 -5.27 4.30 23.89
CA LYS A 110 -5.44 3.84 22.52
C LYS A 110 -6.16 2.51 22.52
N THR A 111 -6.99 2.28 21.52
CA THR A 111 -7.82 1.08 21.47
C THR A 111 -7.97 0.52 20.06
N ILE A 112 -7.62 -0.76 19.91
CA ILE A 112 -7.74 -1.43 18.61
C ILE A 112 -8.49 -2.76 18.74
N SER A 113 -8.91 -3.29 17.60
CA SER A 113 -9.60 -4.58 17.53
C SER A 113 -9.62 -5.07 16.09
N LYS A 114 -10.26 -6.21 15.87
CA LYS A 114 -10.42 -6.74 14.52
C LYS A 114 -11.33 -5.82 13.71
N ALA A 115 -10.99 -5.63 12.44
CA ALA A 115 -11.77 -4.75 11.57
C ALA A 115 -13.21 -5.26 11.42
N LYS A 116 -14.15 -4.48 11.94
CA LYS A 116 -15.56 -4.85 11.91
C LYS A 116 -16.09 -4.92 10.49
N GLY A 117 -17.11 -5.75 10.28
CA GLY A 117 -17.68 -5.96 8.97
C GLY A 117 -17.76 -7.43 8.63
N GLN A 118 -18.75 -7.81 7.83
CA GLN A 118 -18.94 -9.20 7.45
C GLN A 118 -17.82 -9.70 6.55
N PRO A 119 -17.14 -10.78 6.97
CA PRO A 119 -16.01 -11.37 6.24
C PRO A 119 -16.40 -11.91 4.87
N ARG A 120 -15.49 -11.80 3.91
CA ARG A 120 -15.70 -12.34 2.57
C ARG A 120 -14.55 -13.24 2.16
N GLU A 121 -14.88 -14.39 1.58
CA GLU A 121 -13.88 -15.36 1.15
C GLU A 121 -13.12 -14.89 -0.07
N PRO A 122 -11.78 -14.84 0.03
CA PRO A 122 -10.92 -14.47 -1.10
C PRO A 122 -10.89 -15.54 -2.18
N GLN A 123 -10.75 -15.13 -3.43
CA GLN A 123 -10.64 -16.04 -4.55
C GLN A 123 -9.25 -16.00 -5.14
N VAL A 124 -8.56 -17.13 -5.12
CA VAL A 124 -7.15 -17.17 -5.51
C VAL A 124 -6.96 -17.73 -6.92
N TYR A 125 -6.38 -16.91 -7.79
CA TYR A 125 -6.10 -17.32 -9.17
C TYR A 125 -4.62 -17.14 -9.52
N THR A 126 -3.97 -18.24 -9.89
CA THR A 126 -2.57 -18.18 -10.31
C THR A 126 -2.48 -17.93 -11.82
N LEU A 127 -1.56 -17.06 -12.21
CA LEU A 127 -1.40 -16.70 -13.61
C LEU A 127 0.03 -16.94 -14.08
N PRO A 128 0.20 -17.71 -15.17
CA PRO A 128 1.51 -18.02 -15.76
C PRO A 128 2.15 -16.81 -16.41
N PRO A 129 3.49 -16.82 -16.59
CA PRO A 129 4.19 -15.71 -17.21
C PRO A 129 3.72 -15.43 -18.63
N SER A 130 3.83 -14.18 -19.06
CA SER A 130 3.46 -13.80 -20.41
C SER A 130 4.44 -14.38 -21.42
N ARG A 131 4.03 -14.47 -22.68
CA ARG A 131 4.88 -14.99 -23.73
C ARG A 131 6.07 -14.07 -23.99
N GLU A 132 5.84 -12.76 -23.88
CA GLU A 132 6.89 -11.79 -24.11
C GLU A 132 7.98 -11.88 -23.07
N GLU A 133 7.61 -12.27 -21.85
CA GLU A 133 8.54 -12.32 -20.74
C GLU A 133 9.46 -13.53 -20.85
N MET A 134 9.14 -14.45 -21.76
CA MET A 134 9.95 -15.65 -21.96
C MET A 134 11.30 -15.32 -22.60
N THR A 135 11.40 -14.13 -23.17
CA THR A 135 12.66 -13.67 -23.77
C THR A 135 13.69 -13.38 -22.68
N LYS A 136 13.21 -12.97 -21.51
CA LYS A 136 14.08 -12.66 -20.38
C LYS A 136 14.55 -13.95 -19.70
N ASN A 137 15.58 -13.82 -18.88
CA ASN A 137 16.11 -14.98 -18.14
C ASN A 137 15.36 -15.20 -16.83
N GLN A 138 14.55 -14.21 -16.45
CA GLN A 138 13.76 -14.30 -15.22
C GLN A 138 12.29 -13.97 -15.50
N VAL A 139 11.42 -14.97 -15.35
CA VAL A 139 10.00 -14.78 -15.58
C VAL A 139 9.28 -14.43 -14.28
N SER A 140 8.02 -14.01 -14.39
CA SER A 140 7.24 -13.61 -13.23
C SER A 140 5.97 -14.45 -13.07
N LEU A 141 5.79 -15.01 -11.88
CA LEU A 141 4.59 -15.76 -11.55
C LEU A 141 3.60 -14.86 -10.80
N THR A 142 2.35 -14.86 -11.22
CA THR A 142 1.35 -13.95 -10.68
C THR A 142 0.28 -14.67 -9.87
N CYS A 143 -0.02 -14.15 -8.68
CA CYS A 143 -1.11 -14.68 -7.87
C CYS A 143 -2.13 -13.59 -7.58
N LEU A 144 -3.35 -13.77 -8.10
CA LEU A 144 -4.41 -12.80 -7.88
C LEU A 144 -5.34 -13.23 -6.75
N VAL A 145 -5.42 -12.38 -5.72
CA VAL A 145 -6.34 -12.60 -4.61
C VAL A 145 -7.36 -11.47 -4.57
N LYS A 146 -8.63 -11.80 -4.80
CA LYS A 146 -9.66 -10.78 -4.91
C LYS A 146 -10.92 -11.10 -4.11
N GLY A 147 -11.68 -10.07 -3.78
CA GLY A 147 -12.96 -10.22 -3.12
C GLY A 147 -12.88 -10.74 -1.71
N PHE A 148 -12.02 -10.13 -0.89
CA PHE A 148 -11.92 -10.52 0.51
C PHE A 148 -12.13 -9.34 1.45
N TYR A 149 -12.54 -9.66 2.67
CA TYR A 149 -12.78 -8.65 3.70
C TYR A 149 -12.62 -9.28 5.08
N PRO A 150 -11.93 -8.59 5.99
CA PRO A 150 -11.28 -7.28 5.82
C PRO A 150 -9.95 -7.36 5.08
N SER A 151 -9.16 -6.29 5.17
CA SER A 151 -7.90 -6.20 4.44
C SER A 151 -6.79 -7.02 5.09
N ASP A 152 -7.03 -7.49 6.30
CA ASP A 152 -6.03 -8.30 7.01
C ASP A 152 -5.82 -9.64 6.31
N ILE A 153 -4.66 -9.80 5.68
CA ILE A 153 -4.37 -11.00 4.91
C ILE A 153 -2.86 -11.22 4.83
N ALA A 154 -2.45 -12.45 4.50
CA ALA A 154 -1.04 -12.77 4.36
C ALA A 154 -0.80 -13.70 3.18
N VAL A 155 0.18 -13.36 2.34
CA VAL A 155 0.46 -14.14 1.14
C VAL A 155 1.90 -14.62 1.12
N GLU A 156 2.10 -15.87 0.69
CA GLU A 156 3.43 -16.48 0.69
C GLU A 156 3.57 -17.46 -0.48
N TRP A 157 4.80 -17.61 -0.97
CA TRP A 157 5.07 -18.57 -2.03
C TRP A 157 5.91 -19.72 -1.52
N GLU A 158 5.81 -20.87 -2.18
CA GLU A 158 6.60 -22.04 -1.81
C GLU A 158 6.81 -22.97 -3.00
N SER A 159 7.86 -23.78 -2.92
CA SER A 159 8.14 -24.73 -3.99
C SER A 159 8.81 -25.98 -3.41
N ASN A 160 8.24 -27.14 -3.73
CA ASN A 160 8.74 -28.43 -3.25
C ASN A 160 8.80 -28.48 -1.73
N GLY A 161 7.81 -27.90 -1.08
CA GLY A 161 7.76 -27.88 0.38
C GLY A 161 8.46 -26.68 0.96
N GLN A 162 9.64 -26.37 0.44
CA GLN A 162 10.41 -25.22 0.91
C GLN A 162 9.83 -23.92 0.38
N PRO A 163 9.79 -22.88 1.23
CA PRO A 163 9.24 -21.58 0.85
C PRO A 163 10.17 -20.77 -0.05
N GLU A 164 9.60 -19.96 -0.92
CA GLU A 164 10.38 -19.06 -1.75
C GLU A 164 10.63 -17.74 -1.03
N ASN A 165 11.63 -17.00 -1.47
CA ASN A 165 11.97 -15.74 -0.82
C ASN A 165 11.90 -14.54 -1.76
N ASN A 166 12.17 -14.78 -3.04
CA ASN A 166 12.21 -13.71 -4.02
C ASN A 166 10.83 -13.38 -4.59
N TYR A 167 9.95 -12.86 -3.74
CA TYR A 167 8.62 -12.44 -4.17
C TYR A 167 8.21 -11.16 -3.47
N LYS A 168 7.19 -10.50 -4.01
CA LYS A 168 6.66 -9.27 -3.42
C LYS A 168 5.15 -9.20 -3.58
N THR A 169 4.48 -8.71 -2.55
CA THR A 169 3.03 -8.64 -2.55
C THR A 169 2.55 -7.19 -2.47
N THR A 170 1.64 -6.82 -3.37
CA THR A 170 1.09 -5.48 -3.38
C THR A 170 0.11 -5.29 -2.23
N PRO A 171 0.11 -4.08 -1.63
CA PRO A 171 -0.86 -3.74 -0.58
C PRO A 171 -2.30 -3.90 -1.07
N PRO A 172 -3.21 -4.33 -0.18
CA PRO A 172 -4.62 -4.54 -0.52
C PRO A 172 -5.26 -3.30 -1.15
N VAL A 173 -6.03 -3.49 -2.21
CA VAL A 173 -6.68 -2.39 -2.90
C VAL A 173 -8.20 -2.50 -2.82
N LEU A 174 -8.85 -1.46 -2.33
CA LEU A 174 -10.30 -1.43 -2.22
C LEU A 174 -10.96 -1.48 -3.60
N ASP A 175 -11.63 -2.58 -3.89
CA ASP A 175 -12.29 -2.76 -5.18
C ASP A 175 -13.60 -1.98 -5.23
N SER A 176 -14.28 -2.05 -6.37
CA SER A 176 -15.51 -1.29 -6.58
C SER A 176 -16.70 -1.88 -5.83
N ASP A 177 -16.63 -3.16 -5.49
CA ASP A 177 -17.74 -3.84 -4.83
C ASP A 177 -17.62 -3.79 -3.31
N GLY A 178 -16.69 -2.98 -2.81
CA GLY A 178 -16.52 -2.81 -1.39
C GLY A 178 -15.49 -3.76 -0.79
N SER A 179 -15.13 -4.79 -1.55
CA SER A 179 -14.14 -5.76 -1.09
C SER A 179 -12.73 -5.31 -1.47
N PHE A 180 -11.73 -6.08 -1.05
CA PHE A 180 -10.34 -5.76 -1.34
C PHE A 180 -9.71 -6.79 -2.26
N PHE A 181 -8.67 -6.37 -2.97
CA PHE A 181 -7.90 -7.29 -3.80
C PHE A 181 -6.42 -6.91 -3.79
N LEU A 182 -5.57 -7.84 -4.22
CA LEU A 182 -4.15 -7.58 -4.35
C LEU A 182 -3.48 -8.59 -5.25
N TYR A 183 -2.21 -8.35 -5.56
CA TYR A 183 -1.43 -9.27 -6.38
C TYR A 183 -0.13 -9.66 -5.68
N SER A 184 0.40 -10.82 -6.02
CA SER A 184 1.68 -11.27 -5.49
C SER A 184 2.54 -11.82 -6.61
N LYS A 185 3.68 -11.19 -6.85
CA LYS A 185 4.54 -11.58 -7.96
C LYS A 185 5.78 -12.33 -7.47
N LEU A 186 5.95 -13.55 -7.98
CA LEU A 186 7.14 -14.35 -7.68
C LEU A 186 8.09 -14.35 -8.87
N THR A 187 9.33 -13.97 -8.64
CA THR A 187 10.34 -13.96 -9.69
C THR A 187 11.22 -15.19 -9.63
N VAL A 188 11.12 -16.04 -10.64
CA VAL A 188 11.94 -17.25 -10.72
C VAL A 188 12.74 -17.26 -12.01
N ASP A 189 13.83 -18.02 -12.02
CA ASP A 189 14.62 -18.18 -13.24
C ASP A 189 13.86 -19.01 -14.24
N LYS A 190 14.03 -18.70 -15.53
CA LYS A 190 13.28 -19.35 -16.59
C LYS A 190 13.62 -20.84 -16.68
N SER A 191 14.83 -21.20 -16.26
CA SER A 191 15.26 -22.60 -16.28
C SER A 191 14.41 -23.45 -15.35
N ARG A 192 13.99 -22.88 -14.23
CA ARG A 192 13.14 -23.60 -13.29
C ARG A 192 11.77 -23.81 -13.87
N TRP A 193 11.21 -22.74 -14.45
CA TRP A 193 9.87 -22.78 -15.00
C TRP A 193 9.77 -23.73 -16.20
N GLN A 194 10.85 -23.80 -16.98
CA GLN A 194 10.88 -24.66 -18.15
C GLN A 194 11.20 -26.11 -17.77
N GLN A 195 11.70 -26.31 -16.57
CA GLN A 195 12.01 -27.64 -16.07
C GLN A 195 10.75 -28.38 -15.64
N GLY A 196 9.69 -27.62 -15.38
CA GLY A 196 8.41 -28.21 -15.02
C GLY A 196 8.14 -28.20 -13.53
N ASN A 197 8.87 -27.37 -12.80
CA ASN A 197 8.68 -27.26 -11.35
C ASN A 197 7.32 -26.67 -10.99
N VAL A 198 6.85 -26.98 -9.79
CA VAL A 198 5.55 -26.51 -9.33
C VAL A 198 5.69 -25.44 -8.25
N PHE A 199 5.06 -24.29 -8.46
CA PHE A 199 5.09 -23.20 -7.50
C PHE A 199 3.68 -22.94 -6.97
N SER A 200 3.56 -22.80 -5.66
CA SER A 200 2.25 -22.66 -5.02
C SER A 200 2.09 -21.33 -4.29
N CYS A 201 0.92 -20.72 -4.45
CA CYS A 201 0.61 -19.45 -3.82
C CYS A 201 -0.24 -19.64 -2.57
N SER A 202 0.38 -19.43 -1.41
CA SER A 202 -0.30 -19.64 -0.13
C SER A 202 -1.00 -18.37 0.34
N VAL A 203 -2.29 -18.48 0.64
CA VAL A 203 -3.08 -17.34 1.11
C VAL A 203 -3.73 -17.63 2.46
N MET A 204 -3.57 -16.70 3.40
CA MET A 204 -4.14 -16.84 4.74
C MET A 204 -5.13 -15.73 5.04
N HIS A 205 -6.40 -16.09 5.24
CA HIS A 205 -7.43 -15.12 5.55
C HIS A 205 -8.44 -15.70 6.54
N GLU A 206 -9.09 -14.84 7.31
CA GLU A 206 -9.98 -15.27 8.37
C GLU A 206 -11.29 -15.86 7.84
N ALA A 207 -11.64 -15.52 6.61
CA ALA A 207 -12.91 -15.97 6.02
C ALA A 207 -12.73 -17.28 5.27
N LEU A 208 -11.51 -17.79 5.23
CA LEU A 208 -11.21 -19.04 4.53
C LEU A 208 -11.43 -20.26 5.40
N HIS A 209 -11.59 -21.42 4.76
CA HIS A 209 -11.71 -22.67 5.47
C HIS A 209 -10.35 -23.02 6.11
N ASN A 210 -10.36 -23.20 7.42
CA ASN A 210 -9.12 -23.41 8.19
C ASN A 210 -8.13 -22.27 8.02
N HIS A 211 -8.64 -21.10 7.67
CA HIS A 211 -7.85 -19.89 7.49
C HIS A 211 -6.68 -20.08 6.52
N TYR A 212 -6.89 -20.86 5.47
CA TYR A 212 -5.83 -21.18 4.54
C TYR A 212 -6.35 -21.56 3.16
N ARG A 213 -5.64 -21.09 2.13
CA ARG A 213 -5.97 -21.42 0.74
C ARG A 213 -4.69 -21.41 -0.09
N GLN A 214 -4.51 -22.45 -0.90
CA GLN A 214 -3.30 -22.57 -1.71
C GLN A 214 -3.62 -23.03 -3.13
N LYS A 215 -3.00 -22.38 -4.11
CA LYS A 215 -3.17 -22.76 -5.51
C LYS A 215 -1.82 -22.99 -6.16
N SER A 216 -1.71 -24.07 -6.94
CA SER A 216 -0.45 -24.43 -7.58
C SER A 216 -0.33 -23.85 -8.97
N LEU A 217 0.90 -23.79 -9.48
CA LEU A 217 1.15 -23.27 -10.82
C LEU A 217 2.41 -23.91 -11.41
N SER A 218 2.27 -24.45 -12.62
CA SER A 218 3.40 -25.08 -13.30
C SER A 218 3.24 -25.02 -14.81
N LEU A 219 4.31 -25.29 -15.53
CA LEU A 219 4.29 -25.27 -16.99
C LEU A 219 3.67 -26.54 -17.56
N VAL B 16 4.81 20.48 9.41
CA VAL B 16 4.70 20.79 8.00
C VAL B 16 5.03 19.56 7.14
N PHE B 17 4.16 19.28 6.17
CA PHE B 17 4.36 18.16 5.27
C PHE B 17 4.12 18.57 3.82
N LEU B 18 5.12 18.32 2.97
CA LEU B 18 5.03 18.71 1.57
C LEU B 18 4.81 17.49 0.68
N PHE B 19 3.60 17.33 0.18
CA PHE B 19 3.23 16.18 -0.64
C PHE B 19 3.45 16.44 -2.12
N PRO B 20 3.93 15.41 -2.85
CA PRO B 20 4.14 15.49 -4.31
C PRO B 20 2.82 15.33 -5.07
N PRO B 21 2.77 15.86 -6.30
CA PRO B 21 1.57 15.71 -7.14
C PRO B 21 1.28 14.26 -7.48
N LYS B 22 0.03 13.96 -7.83
CA LYS B 22 -0.36 12.61 -8.21
C LYS B 22 0.37 12.17 -9.47
N PRO B 23 0.86 10.92 -9.48
CA PRO B 23 1.64 10.36 -10.60
C PRO B 23 0.94 10.49 -11.95
N GLU B 24 -0.37 10.28 -11.97
CA GLU B 24 -1.12 10.35 -13.22
C GLU B 24 -1.36 11.79 -13.65
N ASP B 25 -1.31 12.72 -12.71
CA ASP B 25 -1.57 14.12 -13.00
C ASP B 25 -0.36 14.79 -13.66
N THR B 26 0.82 14.23 -13.43
CA THR B 26 2.05 14.79 -13.97
C THR B 26 2.36 14.25 -15.35
N LEU B 27 1.61 13.23 -15.77
CA LEU B 27 1.82 12.60 -17.07
C LEU B 27 0.69 12.94 -18.04
N MET B 28 -0.54 12.88 -17.55
CA MET B 28 -1.70 13.23 -18.36
C MET B 28 -1.83 14.75 -18.45
N ILE B 29 -1.79 15.27 -19.68
CA ILE B 29 -1.84 16.71 -19.90
C ILE B 29 -3.26 17.25 -19.70
N SER B 30 -4.23 16.35 -19.60
CA SER B 30 -5.62 16.75 -19.42
C SER B 30 -5.95 17.04 -17.96
N ARG B 31 -5.02 16.73 -17.08
CA ARG B 31 -5.22 16.93 -15.65
C ARG B 31 -4.31 18.04 -15.11
N THR B 32 -4.47 18.37 -13.84
CA THR B 32 -3.67 19.43 -13.23
C THR B 32 -2.90 18.94 -12.01
N PRO B 33 -1.57 18.92 -12.12
CA PRO B 33 -0.69 18.52 -11.01
C PRO B 33 -0.57 19.61 -9.95
N GLU B 34 -0.62 19.21 -8.68
CA GLU B 34 -0.58 20.16 -7.58
C GLU B 34 0.37 19.73 -6.47
N VAL B 35 1.14 20.67 -5.95
CA VAL B 35 2.01 20.41 -4.81
C VAL B 35 1.33 20.86 -3.52
N THR B 36 1.10 19.92 -2.60
CA THR B 36 0.35 20.22 -1.39
C THR B 36 1.24 20.38 -0.17
N CYS B 37 1.05 21.48 0.56
CA CYS B 37 1.80 21.74 1.78
C CYS B 37 0.86 21.74 3.00
N VAL B 38 0.82 20.60 3.69
CA VAL B 38 -0.08 20.45 4.84
C VAL B 38 0.61 20.83 6.15
N VAL B 39 0.03 21.79 6.85
CA VAL B 39 0.54 22.21 8.15
C VAL B 39 -0.37 21.69 9.27
N VAL B 40 0.24 21.07 10.27
CA VAL B 40 -0.52 20.50 11.39
C VAL B 40 -0.06 21.04 12.73
N ASP B 41 -0.79 20.68 13.78
CA ASP B 41 -0.49 21.11 15.15
C ASP B 41 -0.43 22.63 15.28
N VAL B 42 -1.45 23.30 14.74
CA VAL B 42 -1.53 24.75 14.81
C VAL B 42 -2.25 25.19 16.08
N SER B 43 -1.67 26.15 16.79
CA SER B 43 -2.24 26.62 18.05
C SER B 43 -3.37 27.60 17.84
N HIS B 44 -4.29 27.66 18.80
CA HIS B 44 -5.40 28.60 18.75
C HIS B 44 -4.94 30.02 19.00
N GLU B 45 -3.83 30.15 19.73
CA GLU B 45 -3.26 31.46 20.04
C GLU B 45 -2.65 32.09 18.80
N ASP B 46 -2.15 31.26 17.88
CA ASP B 46 -1.57 31.73 16.64
C ASP B 46 -2.10 30.94 15.45
N PRO B 47 -3.33 31.26 15.00
CA PRO B 47 -3.97 30.55 13.89
C PRO B 47 -3.43 30.97 12.52
N GLU B 48 -2.94 32.20 12.41
CA GLU B 48 -2.45 32.71 11.15
C GLU B 48 -1.14 32.04 10.72
N VAL B 49 -1.15 31.46 9.53
CA VAL B 49 0.03 30.80 8.98
C VAL B 49 0.38 31.37 7.61
N LYS B 50 1.61 31.86 7.48
CA LYS B 50 2.06 32.46 6.23
C LYS B 50 2.78 31.45 5.34
N PHE B 51 2.38 31.39 4.07
CA PHE B 51 2.99 30.47 3.12
C PHE B 51 3.84 31.21 2.09
N ASN B 52 5.05 30.73 1.87
CA ASN B 52 5.94 31.29 0.87
C ASN B 52 6.49 30.21 -0.05
N TRP B 53 5.98 30.17 -1.28
CA TRP B 53 6.40 29.15 -2.24
C TRP B 53 7.55 29.63 -3.11
N TYR B 54 8.43 28.70 -3.48
CA TYR B 54 9.59 29.02 -4.32
C TYR B 54 9.83 27.94 -5.36
N VAL B 55 9.79 28.32 -6.63
CA VAL B 55 10.08 27.39 -7.73
C VAL B 55 11.52 27.57 -8.20
N ASP B 56 12.38 26.66 -7.77
CA ASP B 56 13.80 26.71 -8.08
C ASP B 56 14.43 28.04 -7.66
N GLY B 57 13.98 28.56 -6.52
CA GLY B 57 14.48 29.82 -6.01
C GLY B 57 13.53 30.98 -6.26
N VAL B 58 12.98 31.04 -7.46
CA VAL B 58 12.06 32.11 -7.83
C VAL B 58 10.74 31.99 -7.08
N GLU B 59 10.38 33.05 -6.35
CA GLU B 59 9.15 33.06 -5.57
C GLU B 59 7.93 33.28 -6.46
N VAL B 60 6.93 32.42 -6.29
CA VAL B 60 5.69 32.54 -7.05
C VAL B 60 4.53 32.94 -6.13
N HIS B 61 3.43 33.40 -6.73
CA HIS B 61 2.28 33.84 -5.95
C HIS B 61 0.97 33.37 -6.57
N ASN B 62 0.95 32.13 -7.04
CA ASN B 62 -0.25 31.56 -7.63
C ASN B 62 -0.79 30.39 -6.81
N ALA B 63 -0.44 30.38 -5.52
CA ALA B 63 -0.89 29.32 -4.62
C ALA B 63 -2.20 29.69 -3.94
N LYS B 64 -3.06 28.70 -3.75
CA LYS B 64 -4.35 28.92 -3.08
C LYS B 64 -4.41 28.18 -1.75
N THR B 65 -4.89 28.86 -0.72
CA THR B 65 -4.98 28.28 0.62
C THR B 65 -6.39 27.86 0.96
N LYS B 66 -6.55 26.60 1.36
CA LYS B 66 -7.84 26.07 1.75
C LYS B 66 -8.22 26.52 3.16
N PRO B 67 -9.53 26.69 3.42
CA PRO B 67 -10.01 27.08 4.75
C PRO B 67 -9.56 26.11 5.84
N ARG B 68 -9.22 26.64 7.00
CA ARG B 68 -8.72 25.82 8.12
C ARG B 68 -9.79 24.88 8.63
N GLU B 69 -9.36 23.74 9.17
CA GLU B 69 -10.27 22.75 9.72
C GLU B 69 -9.78 22.26 11.07
N GLU B 70 -10.56 22.55 12.12
CA GLU B 70 -10.20 22.16 13.47
C GLU B 70 -10.26 20.64 13.65
N GLN B 71 -9.19 20.06 14.17
CA GLN B 71 -9.12 18.62 14.37
C GLN B 71 -9.68 18.23 15.73
N TYR B 72 -9.67 16.93 16.03
CA TYR B 72 -10.19 16.43 17.29
C TYR B 72 -9.26 16.74 18.47
N ASN B 73 -7.99 16.99 18.17
CA ASN B 73 -7.02 17.30 19.22
C ASN B 73 -6.87 18.81 19.45
N SER B 74 -7.96 19.54 19.19
CA SER B 74 -8.01 20.99 19.41
C SER B 74 -6.92 21.74 18.66
N THR B 75 -6.61 21.29 17.45
CA THR B 75 -5.62 21.95 16.61
C THR B 75 -6.15 22.20 15.21
N TYR B 76 -5.65 23.26 14.58
CA TYR B 76 -6.08 23.61 13.23
C TYR B 76 -5.21 22.95 12.17
N ARG B 77 -5.80 22.68 11.00
CA ARG B 77 -5.08 22.06 9.90
C ARG B 77 -5.13 22.94 8.65
N VAL B 78 -4.08 23.72 8.44
CA VAL B 78 -4.01 24.63 7.30
C VAL B 78 -3.32 23.97 6.11
N VAL B 79 -3.96 24.04 4.95
CA VAL B 79 -3.44 23.41 3.75
C VAL B 79 -3.27 24.42 2.60
N SER B 80 -2.08 24.46 2.02
CA SER B 80 -1.82 25.33 0.88
C SER B 80 -1.52 24.50 -0.37
N VAL B 81 -2.14 24.88 -1.49
CA VAL B 81 -2.00 24.13 -2.73
C VAL B 81 -1.40 24.98 -3.84
N LEU B 82 -0.37 24.46 -4.50
CA LEU B 82 0.27 25.16 -5.60
C LEU B 82 0.17 24.35 -6.90
N THR B 83 -0.54 24.91 -7.88
CA THR B 83 -0.66 24.27 -9.19
C THR B 83 0.64 24.44 -9.98
N VAL B 84 1.13 23.34 -10.54
CA VAL B 84 2.40 23.36 -11.26
C VAL B 84 2.25 22.89 -12.70
N LEU B 85 3.31 23.07 -13.49
CA LEU B 85 3.32 22.63 -14.88
C LEU B 85 3.88 21.22 -15.00
N HIS B 86 3.47 20.52 -16.06
CA HIS B 86 3.90 19.14 -16.26
C HIS B 86 5.37 19.06 -16.64
N GLN B 87 5.84 20.06 -17.39
CA GLN B 87 7.22 20.08 -17.87
C GLN B 87 8.21 20.36 -16.76
N ASP B 88 7.83 21.24 -15.84
CA ASP B 88 8.70 21.65 -14.74
C ASP B 88 9.00 20.48 -13.80
N TRP B 89 7.95 19.78 -13.39
CA TRP B 89 8.11 18.65 -12.47
C TRP B 89 8.89 17.51 -13.09
N LEU B 90 8.65 17.26 -14.38
CA LEU B 90 9.32 16.18 -15.09
C LEU B 90 10.81 16.46 -15.25
N ASN B 91 11.16 17.74 -15.44
CA ASN B 91 12.55 18.14 -15.60
C ASN B 91 13.30 18.18 -14.26
N GLY B 92 12.54 18.08 -13.17
CA GLY B 92 13.13 18.05 -11.84
C GLY B 92 13.25 19.42 -11.21
N LYS B 93 12.19 20.22 -11.31
CA LYS B 93 12.15 21.53 -10.68
C LYS B 93 12.11 21.38 -9.16
N GLU B 94 12.72 22.33 -8.47
CA GLU B 94 12.81 22.27 -7.01
C GLU B 94 11.75 23.15 -6.36
N TYR B 95 10.79 22.53 -5.69
CA TYR B 95 9.70 23.26 -5.04
C TYR B 95 9.89 23.33 -3.52
N LYS B 96 9.87 24.54 -2.98
CA LYS B 96 10.05 24.76 -1.55
C LYS B 96 8.81 25.38 -0.93
N CYS B 97 8.51 24.98 0.31
CA CYS B 97 7.36 25.50 1.03
C CYS B 97 7.77 26.14 2.35
N LYS B 98 7.91 27.45 2.36
CA LYS B 98 8.31 28.19 3.55
C LYS B 98 7.10 28.55 4.41
N VAL B 99 7.00 27.94 5.58
CA VAL B 99 5.89 28.19 6.49
C VAL B 99 6.27 29.21 7.56
N ILE B 108 9.79 26.72 9.32
CA ILE B 108 9.83 25.41 8.67
C ILE B 108 9.86 25.56 7.15
N GLU B 109 10.94 25.06 6.54
CA GLU B 109 11.10 25.16 5.09
C GLU B 109 11.30 23.78 4.46
N LYS B 110 10.19 23.16 4.06
CA LYS B 110 10.23 21.86 3.40
C LYS B 110 10.50 22.01 1.91
N THR B 111 11.03 20.96 1.29
CA THR B 111 11.38 21.00 -0.13
C THR B 111 11.28 19.62 -0.77
N ILE B 112 10.52 19.53 -1.85
CA ILE B 112 10.39 18.29 -2.61
C ILE B 112 10.65 18.51 -4.09
N SER B 113 10.85 17.42 -4.82
CA SER B 113 11.08 17.48 -6.26
C SER B 113 10.86 16.11 -6.89
N LYS B 114 11.23 15.98 -8.16
CA LYS B 114 11.14 14.70 -8.84
C LYS B 114 12.17 13.72 -8.27
N ALA B 115 11.82 12.44 -8.28
CA ALA B 115 12.72 11.41 -7.76
C ALA B 115 13.98 11.31 -8.62
N LYS B 116 15.10 11.76 -8.05
CA LYS B 116 16.38 11.71 -8.75
C LYS B 116 16.87 10.27 -8.91
N GLY B 117 17.55 10.01 -10.02
CA GLY B 117 18.06 8.68 -10.31
C GLY B 117 17.84 8.30 -11.76
N GLN B 118 18.59 7.32 -12.23
CA GLN B 118 18.49 6.87 -13.62
C GLN B 118 17.14 6.22 -13.90
N PRO B 119 16.38 6.82 -14.82
CA PRO B 119 15.06 6.28 -15.21
C PRO B 119 15.15 4.91 -15.88
N ARG B 120 14.25 4.02 -15.53
CA ARG B 120 14.22 2.68 -16.10
C ARG B 120 12.92 2.45 -16.88
N GLU B 121 13.03 1.79 -18.03
CA GLU B 121 11.87 1.52 -18.88
C GLU B 121 11.02 0.39 -18.31
N PRO B 122 9.71 0.64 -18.17
CA PRO B 122 8.77 -0.37 -17.68
C PRO B 122 8.54 -1.49 -18.70
N GLN B 123 8.29 -2.70 -18.20
CA GLN B 123 7.99 -3.83 -19.05
C GLN B 123 6.53 -4.23 -18.88
N VAL B 124 5.73 -4.00 -19.91
CA VAL B 124 4.28 -4.25 -19.84
C VAL B 124 3.92 -5.65 -20.31
N TYR B 125 3.20 -6.39 -19.46
CA TYR B 125 2.76 -7.74 -19.81
C TYR B 125 1.28 -7.92 -19.46
N THR B 126 0.46 -8.20 -20.48
CA THR B 126 -0.95 -8.47 -20.27
C THR B 126 -1.18 -9.95 -20.00
N LEU B 127 -2.03 -10.25 -19.03
CA LEU B 127 -2.32 -11.63 -18.66
C LEU B 127 -3.79 -11.95 -18.77
N PRO B 128 -4.13 -13.06 -19.45
CA PRO B 128 -5.52 -13.52 -19.59
C PRO B 128 -6.06 -14.10 -18.29
N PRO B 129 -7.40 -14.12 -18.14
CA PRO B 129 -8.04 -14.66 -16.93
C PRO B 129 -7.72 -16.13 -16.70
N SER B 130 -7.66 -16.54 -15.44
CA SER B 130 -7.41 -17.93 -15.08
C SER B 130 -8.57 -18.82 -15.53
N ARG B 131 -8.28 -20.08 -15.82
CA ARG B 131 -9.29 -21.02 -16.29
C ARG B 131 -10.36 -21.26 -15.23
N GLU B 132 -9.98 -21.15 -13.97
CA GLU B 132 -10.93 -21.35 -12.87
C GLU B 132 -11.88 -20.17 -12.74
N GLU B 133 -11.48 -19.03 -13.29
CA GLU B 133 -12.30 -17.81 -13.21
C GLU B 133 -13.38 -17.81 -14.29
N MET B 134 -13.26 -18.74 -15.23
CA MET B 134 -14.22 -18.85 -16.33
C MET B 134 -15.57 -19.37 -15.85
N THR B 135 -15.60 -19.93 -14.65
CA THR B 135 -16.83 -20.45 -14.08
C THR B 135 -17.72 -19.29 -13.63
N LYS B 136 -17.13 -18.13 -13.43
CA LYS B 136 -17.88 -16.96 -12.98
C LYS B 136 -18.49 -16.21 -14.15
N ASN B 137 -19.31 -15.21 -13.85
CA ASN B 137 -19.96 -14.42 -14.88
C ASN B 137 -19.08 -13.28 -15.37
N GLN B 138 -18.13 -12.88 -14.54
CA GLN B 138 -17.19 -11.82 -14.89
C GLN B 138 -15.75 -12.24 -14.63
N VAL B 139 -14.88 -11.97 -15.60
CA VAL B 139 -13.47 -12.34 -15.48
C VAL B 139 -12.59 -11.10 -15.27
N SER B 140 -11.35 -11.34 -14.87
CA SER B 140 -10.41 -10.26 -14.59
C SER B 140 -9.24 -10.25 -15.56
N LEU B 141 -8.96 -9.09 -16.14
CA LEU B 141 -7.82 -8.93 -17.04
C LEU B 141 -6.65 -8.29 -16.31
N THR B 142 -5.48 -8.92 -16.40
CA THR B 142 -4.32 -8.49 -15.64
C THR B 142 -3.25 -7.84 -16.54
N CYS B 143 -2.73 -6.70 -16.08
CA CYS B 143 -1.66 -6.01 -16.79
C CYS B 143 -0.48 -5.76 -15.85
N LEU B 144 0.59 -6.54 -16.02
CA LEU B 144 1.77 -6.38 -15.18
C LEU B 144 2.76 -5.38 -15.76
N VAL B 145 3.07 -4.35 -14.97
CA VAL B 145 4.08 -3.36 -15.35
C VAL B 145 5.21 -3.38 -14.33
N LYS B 146 6.40 -3.76 -14.77
CA LYS B 146 7.53 -3.93 -13.87
C LYS B 146 8.82 -3.32 -14.39
N GLY B 147 9.72 -2.98 -13.47
CA GLY B 147 11.05 -2.51 -13.80
C GLY B 147 11.12 -1.06 -14.26
N PHE B 148 10.28 -0.21 -13.69
CA PHE B 148 10.29 1.20 -14.05
C PHE B 148 10.80 2.09 -12.92
N TYR B 149 11.24 3.28 -13.31
CA TYR B 149 11.73 4.27 -12.35
C TYR B 149 11.63 5.66 -12.96
N PRO B 150 11.09 6.63 -12.21
CA PRO B 150 10.59 6.48 -10.84
C PRO B 150 9.17 5.88 -10.78
N SER B 151 8.52 6.03 -9.63
CA SER B 151 7.21 5.41 -9.41
C SER B 151 6.08 6.17 -10.09
N ASP B 152 6.38 7.35 -10.63
CA ASP B 152 5.37 8.14 -11.34
C ASP B 152 4.91 7.42 -12.59
N ILE B 153 3.65 6.99 -12.59
CA ILE B 153 3.12 6.20 -13.69
C ILE B 153 1.60 6.34 -13.78
N ALA B 154 1.06 6.09 -14.98
CA ALA B 154 -0.39 6.13 -15.19
C ALA B 154 -0.82 4.97 -16.09
N VAL B 155 -1.88 4.28 -15.66
CA VAL B 155 -2.36 3.10 -16.38
C VAL B 155 -3.84 3.25 -16.77
N GLU B 156 -4.14 3.01 -18.04
CA GLU B 156 -5.52 3.06 -18.52
C GLU B 156 -5.87 1.83 -19.36
N TRP B 157 -7.15 1.51 -19.40
CA TRP B 157 -7.65 0.42 -20.23
C TRP B 157 -8.57 0.96 -21.30
N GLU B 158 -8.63 0.29 -22.44
CA GLU B 158 -9.52 0.68 -23.52
C GLU B 158 -9.91 -0.52 -24.37
N SER B 159 -11.02 -0.39 -25.09
CA SER B 159 -11.50 -1.45 -25.96
C SER B 159 -12.13 -0.88 -27.21
N ASN B 160 -11.60 -1.28 -28.36
CA ASN B 160 -12.10 -0.82 -29.66
C ASN B 160 -12.10 0.70 -29.79
N GLY B 161 -11.09 1.33 -29.18
CA GLY B 161 -10.97 2.79 -29.21
C GLY B 161 -11.57 3.43 -27.99
N GLN B 162 -12.73 2.92 -27.55
CA GLN B 162 -13.40 3.43 -26.37
C GLN B 162 -12.74 2.92 -25.09
N PRO B 163 -12.56 3.83 -24.12
CA PRO B 163 -11.90 3.48 -22.84
C PRO B 163 -12.82 2.73 -21.89
N GLU B 164 -12.23 1.95 -20.99
CA GLU B 164 -12.97 1.25 -19.95
C GLU B 164 -13.00 2.09 -18.68
N ASN B 165 -13.83 1.70 -17.73
CA ASN B 165 -13.98 2.47 -16.49
C ASN B 165 -13.98 1.59 -15.24
N ASN B 166 -14.33 0.32 -15.42
CA ASN B 166 -14.41 -0.60 -14.29
C ASN B 166 -13.10 -1.35 -14.05
N TYR B 167 -12.05 -0.60 -13.72
CA TYR B 167 -10.75 -1.21 -13.44
C TYR B 167 -10.07 -0.52 -12.25
N LYS B 168 -9.20 -1.25 -11.56
CA LYS B 168 -8.44 -0.70 -10.45
C LYS B 168 -6.95 -1.02 -10.59
N THR B 169 -6.11 -0.10 -10.15
CA THR B 169 -4.66 -0.28 -10.25
C THR B 169 -4.00 -0.21 -8.89
N THR B 170 -3.13 -1.18 -8.61
CA THR B 170 -2.41 -1.22 -7.34
C THR B 170 -1.28 -0.19 -7.32
N PRO B 171 -1.05 0.44 -6.15
CA PRO B 171 0.05 1.38 -5.98
C PRO B 171 1.40 0.73 -6.24
N PRO B 172 2.37 1.51 -6.77
CA PRO B 172 3.72 1.03 -7.09
C PRO B 172 4.40 0.33 -5.91
N VAL B 173 5.02 -0.81 -6.17
CA VAL B 173 5.70 -1.58 -5.13
C VAL B 173 7.19 -1.69 -5.43
N LEU B 174 8.01 -1.34 -4.44
CA LEU B 174 9.46 -1.38 -4.59
C LEU B 174 9.95 -2.82 -4.72
N ASP B 175 10.52 -3.16 -5.87
CA ASP B 175 11.01 -4.51 -6.12
C ASP B 175 12.41 -4.70 -5.54
N SER B 176 12.96 -5.90 -5.71
CA SER B 176 14.25 -6.24 -5.13
C SER B 176 15.42 -5.58 -5.86
N ASP B 177 15.24 -5.31 -7.15
CA ASP B 177 16.31 -4.75 -7.96
C ASP B 177 16.35 -3.22 -7.91
N GLY B 178 15.55 -2.64 -7.02
CA GLY B 178 15.53 -1.20 -6.84
C GLY B 178 14.43 -0.50 -7.63
N SER B 179 13.92 -1.17 -8.65
CA SER B 179 12.86 -0.61 -9.47
C SER B 179 11.49 -0.85 -8.85
N PHE B 180 10.45 -0.32 -9.47
CA PHE B 180 9.08 -0.47 -8.97
C PHE B 180 8.24 -1.33 -9.90
N PHE B 181 7.13 -1.83 -9.38
CA PHE B 181 6.18 -2.59 -10.18
C PHE B 181 4.77 -2.44 -9.63
N LEU B 182 3.78 -2.78 -10.45
CA LEU B 182 2.38 -2.78 -10.01
C LEU B 182 1.53 -3.70 -10.86
N TYR B 183 0.23 -3.70 -10.57
CA TYR B 183 -0.73 -4.48 -11.34
C TYR B 183 -1.99 -3.67 -11.60
N SER B 184 -2.62 -3.91 -12.74
CA SER B 184 -3.90 -3.28 -13.06
C SER B 184 -4.93 -4.33 -13.45
N LYS B 185 -6.05 -4.35 -12.74
CA LYS B 185 -7.07 -5.36 -12.96
C LYS B 185 -8.32 -4.78 -13.62
N LEU B 186 -8.64 -5.27 -14.81
CA LEU B 186 -9.86 -4.88 -15.50
C LEU B 186 -10.91 -5.96 -15.38
N THR B 187 -12.11 -5.59 -14.93
CA THR B 187 -13.20 -6.54 -14.80
C THR B 187 -14.22 -6.37 -15.93
N VAL B 188 -14.37 -7.41 -16.73
CA VAL B 188 -15.32 -7.40 -17.84
C VAL B 188 -16.21 -8.63 -17.79
N ASP B 189 -17.33 -8.56 -18.51
CA ASP B 189 -18.25 -9.71 -18.60
C ASP B 189 -17.60 -10.84 -19.37
N LYS B 190 -17.89 -12.07 -18.96
CA LYS B 190 -17.33 -13.26 -19.61
C LYS B 190 -17.77 -13.35 -21.06
N SER B 191 -18.96 -12.83 -21.35
CA SER B 191 -19.50 -12.82 -22.70
C SER B 191 -18.60 -12.05 -23.65
N ARG B 192 -18.16 -10.87 -23.22
CA ARG B 192 -17.30 -10.01 -24.04
C ARG B 192 -15.96 -10.68 -24.33
N TRP B 193 -15.40 -11.34 -23.32
CA TRP B 193 -14.11 -12.00 -23.47
C TRP B 193 -14.21 -13.23 -24.36
N GLN B 194 -15.36 -13.89 -24.33
CA GLN B 194 -15.58 -15.08 -25.14
C GLN B 194 -15.97 -14.74 -26.58
N GLN B 195 -16.43 -13.51 -26.79
CA GLN B 195 -16.82 -13.06 -28.12
C GLN B 195 -15.61 -12.66 -28.96
N GLY B 196 -14.43 -12.68 -28.34
CA GLY B 196 -13.19 -12.40 -29.04
C GLY B 196 -12.84 -10.92 -29.08
N ASN B 197 -13.39 -10.15 -28.15
CA ASN B 197 -13.08 -8.72 -28.07
C ASN B 197 -11.63 -8.48 -27.69
N VAL B 198 -11.10 -7.32 -28.11
CA VAL B 198 -9.71 -6.98 -27.84
C VAL B 198 -9.60 -5.85 -26.84
N PHE B 199 -8.92 -6.11 -25.73
CA PHE B 199 -8.71 -5.10 -24.69
C PHE B 199 -7.25 -4.65 -24.66
N SER B 200 -7.04 -3.35 -24.61
CA SER B 200 -5.69 -2.80 -24.65
C SER B 200 -5.30 -2.15 -23.32
N CYS B 201 -4.11 -2.49 -22.84
CA CYS B 201 -3.59 -1.91 -21.60
C CYS B 201 -2.63 -0.76 -21.91
N SER B 202 -3.04 0.45 -21.58
CA SER B 202 -2.23 1.64 -21.85
C SER B 202 -1.40 2.05 -20.64
N VAL B 203 -0.11 2.27 -20.86
CA VAL B 203 0.79 2.66 -19.78
C VAL B 203 1.58 3.91 -20.14
N MET B 204 1.55 4.91 -19.25
CA MET B 204 2.30 6.14 -19.45
C MET B 204 3.43 6.25 -18.42
N HIS B 205 4.65 6.47 -18.90
CA HIS B 205 5.81 6.60 -18.03
C HIS B 205 6.89 7.48 -18.66
N GLU B 206 7.73 8.06 -17.81
CA GLU B 206 8.80 8.95 -18.26
C GLU B 206 9.79 8.26 -19.21
N ALA B 207 10.24 7.07 -18.83
CA ALA B 207 11.28 6.38 -19.58
C ALA B 207 10.71 5.55 -20.74
N LEU B 208 9.55 5.95 -21.24
CA LEU B 208 8.94 5.29 -22.39
C LEU B 208 9.04 6.14 -23.64
N HIS B 209 9.05 5.49 -24.80
CA HIS B 209 9.07 6.21 -26.06
C HIS B 209 7.76 6.97 -26.24
N ASN B 210 7.87 8.29 -26.41
CA ASN B 210 6.71 9.19 -26.44
C ASN B 210 5.87 9.09 -25.17
N HIS B 211 6.51 8.64 -24.10
CA HIS B 211 5.85 8.46 -22.80
C HIS B 211 4.60 7.60 -22.89
N TYR B 212 4.66 6.55 -23.71
CA TYR B 212 3.49 5.72 -23.95
C TYR B 212 3.87 4.32 -24.43
N ARG B 213 3.23 3.31 -23.85
CA ARG B 213 3.36 1.94 -24.30
C ARG B 213 2.00 1.26 -24.18
N GLN B 214 1.70 0.37 -25.13
CA GLN B 214 0.40 -0.29 -25.13
C GLN B 214 0.51 -1.75 -25.49
N LYS B 215 -0.28 -2.59 -24.82
CA LYS B 215 -0.31 -4.02 -25.08
C LYS B 215 -1.76 -4.51 -25.20
N SER B 216 -2.02 -5.30 -26.22
CA SER B 216 -3.37 -5.82 -26.46
C SER B 216 -3.56 -7.17 -25.78
N LEU B 217 -4.83 -7.55 -25.59
CA LEU B 217 -5.17 -8.82 -24.95
C LEU B 217 -6.53 -9.31 -25.42
N SER B 218 -6.56 -10.49 -26.02
CA SER B 218 -7.80 -11.07 -26.52
C SER B 218 -7.78 -12.59 -26.44
N LEU B 219 -8.95 -13.20 -26.60
CA LEU B 219 -9.07 -14.65 -26.54
C LEU B 219 -8.73 -15.30 -27.87
C1 NAG C . 12.09 10.90 17.53
C2 NAG C . 10.83 11.60 17.01
C3 NAG C . 9.63 10.67 17.12
C4 NAG C . 9.92 9.34 16.43
C5 NAG C . 11.22 8.75 16.96
C6 NAG C . 11.65 7.50 16.22
C7 NAG C . 10.54 14.03 17.17
C8 NAG C . 10.28 15.19 18.09
N2 NAG C . 10.59 12.83 17.75
O3 NAG C . 8.49 11.29 16.52
O4 NAG C . 8.87 8.41 16.67
O5 NAG C . 12.29 9.70 16.80
O6 NAG C . 11.72 7.71 14.82
O7 NAG C . 10.71 14.18 15.97
C1 NAG C . 8.03 8.29 15.50
C2 NAG C . 7.73 6.81 15.25
C3 NAG C . 6.83 6.66 14.03
C4 NAG C . 5.58 7.52 14.17
C5 NAG C . 5.97 8.96 14.49
C6 NAG C . 4.77 9.85 14.78
C7 NAG C . 9.13 4.83 15.59
C8 NAG C . 10.45 4.17 15.32
N2 NAG C . 8.96 6.05 15.09
O3 NAG C . 6.48 5.28 13.88
O4 NAG C . 4.83 7.50 12.97
O5 NAG C . 6.81 9.00 15.65
O6 NAG C . 5.13 11.22 14.78
O7 NAG C . 8.24 4.26 16.24
C1 BMA C . 3.76 6.54 13.04
C2 BMA C . 2.45 7.16 12.52
C3 BMA C . 1.36 6.10 12.37
C4 BMA C . 1.87 4.84 11.67
C5 BMA C . 3.12 4.32 12.38
C6 BMA C . 3.70 3.09 11.72
O2 BMA C . 2.65 7.74 11.24
O3 BMA C . 0.24 6.61 11.67
O4 BMA C . 0.87 3.84 11.68
O5 BMA C . 4.11 5.35 12.34
O6 BMA C . 4.80 2.65 12.50
C1 MAN C . -0.80 6.94 12.60
C2 MAN C . -2.14 6.81 11.88
C3 MAN C . -2.16 7.83 10.76
C4 MAN C . -1.93 9.25 11.31
C5 MAN C . -0.63 9.30 12.16
C6 MAN C . -0.49 10.58 12.93
O2 MAN C . -3.20 7.20 12.75
O3 MAN C . -3.38 7.77 10.01
O4 MAN C . -1.81 10.16 10.23
O5 MAN C . -0.63 8.21 13.13
O6 MAN C . 0.81 10.60 13.52
C1 NAG C . -3.81 6.03 13.33
C2 NAG C . -4.74 6.47 14.46
C3 NAG C . -5.48 5.26 15.04
C4 NAG C . -6.15 4.45 13.95
C5 NAG C . -5.13 4.10 12.88
C6 NAG C . -5.72 3.37 11.69
C7 NAG C . -3.61 8.44 15.38
C8 NAG C . -2.87 9.02 16.56
N2 NAG C . -4.02 7.18 15.50
O3 NAG C . -6.46 5.71 15.98
O4 NAG C . -6.71 3.26 14.48
O5 NAG C . -4.54 5.29 12.36
O6 NAG C . -4.73 2.71 10.92
O7 NAG C . -3.83 9.11 14.37
C1 MAN C . 5.32 1.43 11.94
C2 MAN C . 6.29 0.80 12.95
C3 MAN C . 7.57 1.63 13.01
C4 MAN C . 8.16 1.84 11.61
C5 MAN C . 7.10 2.46 10.67
C6 MAN C . 7.57 2.57 9.23
O2 MAN C . 6.71 -0.49 12.51
O3 MAN C . 8.53 1.05 13.87
O4 MAN C . 9.29 2.69 11.68
O5 MAN C . 5.91 1.64 10.68
O6 MAN C . 6.47 2.96 8.43
C1 NAG C . 5.70 -1.45 12.86
C2 NAG C . 5.69 -2.57 11.82
C3 NAG C . 4.65 -3.63 12.17
C4 NAG C . 4.86 -4.11 13.60
C5 NAG C . 4.90 -2.94 14.56
C6 NAG C . 5.21 -3.33 15.98
C7 NAG C . 6.41 -1.61 9.67
C8 NAG C . 5.97 -1.09 8.33
N2 NAG C . 5.44 -2.04 10.49
O3 NAG C . 4.74 -4.71 11.27
O4 NAG C . 3.80 -4.99 13.98
O5 NAG C . 5.91 -2.01 14.16
O6 NAG C . 6.46 -2.79 16.42
O7 NAG C . 7.59 -1.64 9.99
C1 FUC C . 13.05 7.43 14.36
C2 FUC C . 13.03 7.14 12.84
C3 FUC C . 12.79 8.44 12.05
C4 FUC C . 13.83 9.50 12.43
C5 FUC C . 13.84 9.70 13.95
C6 FUC C . 14.96 10.62 14.43
O2 FUC C . 12.06 6.16 12.51
O3 FUC C . 12.90 8.19 10.65
O4 FUC C . 15.13 9.08 12.00
O5 FUC C . 13.98 8.45 14.67
C1 NAG D . -3.90 16.63 15.64
C2 NAG D . -2.41 16.27 15.68
C3 NAG D . -1.79 16.45 14.30
C4 NAG D . -2.59 15.68 13.25
C5 NAG D . -4.06 16.11 13.32
C6 NAG D . -4.94 15.35 12.36
C7 NAG D . -1.09 16.58 17.73
C8 NAG D . -0.41 17.56 18.63
N2 NAG D . -1.70 17.09 16.66
O3 NAG D . -0.44 15.97 14.32
O4 NAG D . -2.08 15.94 11.95
O5 NAG D . -4.56 15.87 14.63
O6 NAG D . -4.68 13.95 12.40
O7 NAG D . -1.08 15.37 17.96
C1 NAG D . -1.39 14.76 11.47
C2 NAG D . -1.65 14.55 9.99
C3 NAG D . -0.96 13.26 9.52
C4 NAG D . 0.51 13.28 9.90
C5 NAG D . 0.69 13.60 11.39
C6 NAG D . 2.14 13.78 11.79
C7 NAG D . -3.62 14.89 8.56
C8 NAG D . -5.10 14.75 8.44
N2 NAG D . -3.08 14.49 9.71
O3 NAG D . -1.11 13.14 8.11
O4 NAG D . 1.09 12.01 9.64
O5 NAG D . 0.01 14.82 11.71
O6 NAG D . 2.26 14.66 12.89
O7 NAG D . -2.93 15.35 7.65
C1 BMA D . 1.83 12.02 8.41
C2 BMA D . 3.20 11.36 8.64
C3 BMA D . 3.96 11.20 7.32
C4 BMA D . 3.07 10.65 6.20
C5 BMA D . 1.78 11.46 6.09
C6 BMA D . 0.82 10.92 5.04
O2 BMA D . 3.03 10.05 9.17
O3 BMA D . 5.10 10.36 7.48
O4 BMA D . 3.76 10.68 4.96
O5 BMA D . 1.12 11.42 7.36
O6 BMA D . -0.41 11.63 5.14
C1 MAN D . -1.28 11.23 4.07
C2 MAN D . -2.33 12.32 3.84
C3 MAN D . -3.30 12.33 5.02
C4 MAN D . -3.91 10.94 5.20
C5 MAN D . -2.79 9.89 5.40
C6 MAN D . -3.32 8.47 5.46
O2 MAN D . -3.14 12.03 2.70
O3 MAN D . -4.33 13.30 4.84
O4 MAN D . -4.77 10.93 6.34
O5 MAN D . -1.86 9.96 4.29
O6 MAN D . -2.20 7.59 5.50
C1 NAG D . -2.50 12.53 1.51
C2 NAG D . -2.98 11.74 0.31
C3 NAG D . -2.33 12.26 -0.97
C4 NAG D . -2.55 13.77 -1.10
C5 NAG D . -2.09 14.47 0.17
C6 NAG D . -2.39 15.96 0.17
C7 NAG D . -3.65 9.40 0.73
C8 NAG D . -5.05 9.93 0.84
N2 NAG D . -2.71 10.32 0.47
O3 NAG D . -2.89 11.60 -2.10
O4 NAG D . -1.84 14.28 -2.20
O5 NAG D . -2.76 13.92 1.32
O6 NAG D . -3.75 16.21 0.49
O7 NAG D . -3.39 8.22 0.87
C1 MAN D . 6.30 11.17 7.53
C2 MAN D . 7.49 10.30 7.11
C3 MAN D . 7.83 9.31 8.23
C4 MAN D . 7.99 10.04 9.57
C5 MAN D . 6.73 10.87 9.88
C6 MAN D . 6.85 11.70 11.14
O2 MAN D . 8.67 11.09 6.93
O3 MAN D . 9.00 8.56 7.94
O4 MAN D . 8.20 9.11 10.62
O5 MAN D . 6.47 11.77 8.78
O6 MAN D . 5.62 12.38 11.35
C1 FUC D . -5.83 13.30 11.81
C2 FUC D . -5.45 11.98 11.09
C3 FUC D . -5.23 10.83 12.09
C4 FUC D . -6.41 10.74 13.07
C5 FUC D . -6.64 12.09 13.73
C6 FUC D . -7.86 12.11 14.63
O2 FUC D . -4.32 12.13 10.24
O3 FUC D . -5.19 9.59 11.38
O4 FUC D . -7.57 10.36 12.37
O5 FUC D . -6.86 13.12 12.75
#